data_2AV5
#
_entry.id   2AV5
#
_cell.length_a   107.500
_cell.length_b   107.500
_cell.length_c   179.000
_cell.angle_alpha   90.00
_cell.angle_beta   90.00
_cell.angle_gamma   90.00
#
_symmetry.space_group_name_H-M   'P 41 21 2'
#
_entity_poly.entity_id   1
_entity_poly.type   'polypeptide(L)'
_entity_poly.pdbx_seq_one_letter_code
;MSERPKTLPPTLRDKKRYIAFKVISENQFNKDEIKEAIWNACLRTLGELGTAKAKPWLIKFDETTQTGIIRSDRNHVYDV
IFSLTLVSDINGNKAIIKVLGVSGTIKRLKRKFLSQFGWR
;
_entity_poly.pdbx_strand_id   A,B,C,D,E
#
# COMPACT_ATOMS: atom_id res chain seq x y z
N LYS A 15 -28.41 24.70 -34.66
CA LYS A 15 -27.57 23.56 -34.19
C LYS A 15 -27.47 23.50 -32.66
N LYS A 16 -28.10 24.46 -31.99
CA LYS A 16 -28.11 24.51 -30.54
C LYS A 16 -29.53 24.43 -30.01
N ARG A 17 -29.67 24.10 -28.73
CA ARG A 17 -30.97 24.02 -28.07
C ARG A 17 -30.78 24.52 -26.67
N TYR A 18 -31.81 25.15 -26.14
CA TYR A 18 -31.77 25.68 -24.79
C TYR A 18 -32.80 24.97 -23.94
N ILE A 19 -32.41 24.56 -22.74
CA ILE A 19 -33.33 23.88 -21.85
C ILE A 19 -33.42 24.62 -20.52
N ALA A 20 -34.64 24.93 -20.11
CA ALA A 20 -34.90 25.64 -18.87
C ALA A 20 -35.09 24.68 -17.73
N PHE A 21 -34.54 25.02 -16.57
CA PHE A 21 -34.65 24.15 -15.41
C PHE A 21 -34.84 24.91 -14.12
N LYS A 22 -35.41 24.21 -13.14
CA LYS A 22 -35.65 24.76 -11.83
C LYS A 22 -35.07 23.73 -10.87
N VAL A 23 -34.58 24.20 -9.74
CA VAL A 23 -34.01 23.27 -8.77
C VAL A 23 -34.87 23.26 -7.51
N ILE A 24 -35.19 22.07 -7.07
CA ILE A 24 -36.02 21.84 -5.89
C ILE A 24 -35.12 21.49 -4.72
N SER A 25 -34.95 22.39 -3.77
CA SER A 25 -34.11 22.06 -2.63
C SER A 25 -34.48 22.77 -1.36
N GLU A 26 -33.91 22.29 -0.26
CA GLU A 26 -34.17 22.91 1.02
C GLU A 26 -33.45 24.25 1.08
N ASN A 27 -32.26 24.35 0.51
CA ASN A 27 -31.55 25.62 0.53
C ASN A 27 -31.17 26.21 -0.83
N GLN A 28 -30.69 27.45 -0.80
CA GLN A 28 -30.28 28.19 -1.97
C GLN A 28 -28.94 27.74 -2.52
N PHE A 29 -28.69 28.05 -3.79
CA PHE A 29 -27.44 27.70 -4.45
C PHE A 29 -27.02 28.86 -5.35
N ASN A 30 -25.71 29.01 -5.57
CA ASN A 30 -25.18 30.09 -6.40
C ASN A 30 -24.70 29.64 -7.78
N LYS A 31 -24.65 30.59 -8.72
CA LYS A 31 -24.20 30.32 -10.08
C LYS A 31 -23.10 29.28 -10.11
N ASP A 32 -22.00 29.59 -9.45
CA ASP A 32 -20.84 28.71 -9.40
C ASP A 32 -21.14 27.29 -8.94
N GLU A 33 -21.99 27.13 -7.92
CA GLU A 33 -22.32 25.81 -7.41
C GLU A 33 -23.06 24.93 -8.38
N ILE A 34 -24.22 25.38 -8.85
CA ILE A 34 -24.98 24.58 -9.78
C ILE A 34 -24.22 24.43 -11.09
N LYS A 35 -23.39 25.42 -11.42
CA LYS A 35 -22.59 25.34 -12.65
C LYS A 35 -21.68 24.12 -12.57
N GLU A 36 -20.96 24.00 -11.45
CA GLU A 36 -20.06 22.86 -11.26
C GLU A 36 -20.86 21.57 -11.29
N ALA A 37 -21.94 21.53 -10.52
CA ALA A 37 -22.81 20.35 -10.46
C ALA A 37 -23.22 19.88 -11.86
N ILE A 38 -23.75 20.80 -12.67
CA ILE A 38 -24.16 20.46 -14.02
C ILE A 38 -23.03 19.81 -14.78
N TRP A 39 -21.81 20.24 -14.51
CA TRP A 39 -20.69 19.65 -15.22
C TRP A 39 -20.44 18.23 -14.74
N ASN A 40 -20.16 18.06 -13.45
CA ASN A 40 -19.93 16.72 -12.92
C ASN A 40 -21.04 15.76 -13.34
N ALA A 41 -22.26 16.25 -13.42
CA ALA A 41 -23.38 15.43 -13.82
C ALA A 41 -23.13 14.83 -15.20
N CYS A 42 -22.76 15.67 -16.16
CA CYS A 42 -22.49 15.19 -17.52
C CYS A 42 -21.24 14.32 -17.58
N LEU A 43 -20.26 14.62 -16.73
CA LEU A 43 -19.04 13.84 -16.72
C LEU A 43 -19.33 12.43 -16.26
N ARG A 44 -20.00 12.29 -15.11
CA ARG A 44 -20.31 10.96 -14.61
C ARG A 44 -21.20 10.16 -15.55
N THR A 45 -22.26 10.78 -16.02
CA THR A 45 -23.21 10.10 -16.89
C THR A 45 -22.80 9.94 -18.35
N LEU A 46 -22.28 11.01 -18.94
CA LEU A 46 -21.90 10.97 -20.35
C LEU A 46 -20.42 10.71 -20.63
N GLY A 47 -19.57 10.80 -19.60
CA GLY A 47 -18.16 10.59 -19.81
C GLY A 47 -17.51 11.78 -20.48
N GLU A 48 -16.19 11.84 -20.50
CA GLU A 48 -15.50 12.95 -21.12
C GLU A 48 -15.86 13.11 -22.59
N LEU A 49 -15.95 11.98 -23.30
CA LEU A 49 -16.30 11.98 -24.71
C LEU A 49 -17.71 12.52 -24.88
N GLY A 50 -18.66 11.92 -24.16
CA GLY A 50 -20.05 12.33 -24.24
C GLY A 50 -20.23 13.80 -23.94
N THR A 51 -19.58 14.30 -22.89
CA THR A 51 -19.68 15.70 -22.54
C THR A 51 -19.19 16.54 -23.70
N ALA A 52 -18.10 16.09 -24.32
CA ALA A 52 -17.51 16.80 -25.45
C ALA A 52 -18.48 16.96 -26.61
N LYS A 53 -19.25 15.93 -26.87
CA LYS A 53 -20.20 15.98 -27.96
C LYS A 53 -21.39 16.86 -27.58
N ALA A 54 -21.89 16.69 -26.36
CA ALA A 54 -23.05 17.45 -25.87
C ALA A 54 -22.82 18.96 -25.72
N LYS A 55 -21.60 19.35 -25.39
CA LYS A 55 -21.23 20.75 -25.23
C LYS A 55 -22.23 21.48 -24.34
N PRO A 56 -22.31 21.10 -23.06
CA PRO A 56 -23.22 21.71 -22.11
C PRO A 56 -22.70 23.06 -21.61
N TRP A 57 -23.51 24.11 -21.75
CA TRP A 57 -23.10 25.42 -21.26
C TRP A 57 -24.21 26.04 -20.40
N LEU A 58 -23.82 26.59 -19.26
CA LEU A 58 -24.77 27.21 -18.34
C LEU A 58 -24.83 28.68 -18.72
N ILE A 59 -25.74 29.07 -19.60
CA ILE A 59 -25.80 30.48 -19.99
C ILE A 59 -26.23 31.46 -18.89
N LYS A 60 -27.27 31.14 -18.12
CA LYS A 60 -27.71 32.04 -17.04
C LYS A 60 -28.43 31.31 -15.91
N PHE A 61 -28.20 31.75 -14.68
CA PHE A 61 -28.85 31.13 -13.53
C PHE A 61 -29.33 32.18 -12.53
N ASP A 62 -30.64 32.33 -12.40
CA ASP A 62 -31.23 33.30 -11.47
C ASP A 62 -31.17 32.83 -10.02
N GLU A 63 -30.15 33.26 -9.29
CA GLU A 63 -29.96 32.85 -7.90
C GLU A 63 -31.16 33.08 -7.00
N THR A 64 -31.98 34.05 -7.34
CA THR A 64 -33.15 34.36 -6.51
C THR A 64 -34.27 33.33 -6.64
N THR A 65 -34.62 32.98 -7.87
CA THR A 65 -35.69 32.01 -8.11
C THR A 65 -35.19 30.59 -8.38
N GLN A 66 -33.89 30.34 -8.15
CA GLN A 66 -33.31 29.01 -8.39
C GLN A 66 -33.81 28.45 -9.71
N THR A 67 -33.62 29.24 -10.76
CA THR A 67 -34.03 28.91 -12.11
C THR A 67 -32.84 29.18 -13.01
N GLY A 68 -32.80 28.55 -14.17
CA GLY A 68 -31.68 28.77 -15.07
C GLY A 68 -31.82 28.17 -16.47
N ILE A 69 -30.88 28.51 -17.35
CA ILE A 69 -30.89 27.99 -18.71
C ILE A 69 -29.56 27.32 -19.07
N ILE A 70 -29.67 26.26 -19.87
CA ILE A 70 -28.51 25.49 -20.31
C ILE A 70 -28.56 25.36 -21.83
N ARG A 71 -27.41 25.40 -22.46
CA ARG A 71 -27.33 25.25 -23.91
C ARG A 71 -26.62 23.92 -24.19
N SER A 72 -27.01 23.25 -25.27
CA SER A 72 -26.38 21.99 -25.63
C SER A 72 -26.58 21.69 -27.11
N ASP A 73 -25.73 20.82 -27.65
CA ASP A 73 -25.83 20.44 -29.05
C ASP A 73 -27.25 19.94 -29.32
N ARG A 74 -27.80 20.33 -30.46
CA ARG A 74 -29.14 19.95 -30.81
C ARG A 74 -29.40 18.45 -30.72
N ASN A 75 -28.37 17.63 -30.97
CA ASN A 75 -28.56 16.19 -30.94
C ASN A 75 -28.27 15.51 -29.62
N HIS A 76 -28.06 16.30 -28.57
CA HIS A 76 -27.75 15.70 -27.28
C HIS A 76 -28.57 16.28 -26.15
N VAL A 77 -29.66 16.94 -26.51
CA VAL A 77 -30.51 17.53 -25.50
C VAL A 77 -30.95 16.52 -24.46
N TYR A 78 -31.50 15.41 -24.91
CA TYR A 78 -31.97 14.40 -23.98
C TYR A 78 -30.89 13.67 -23.19
N ASP A 79 -29.63 13.89 -23.54
CA ASP A 79 -28.53 13.27 -22.81
C ASP A 79 -28.15 14.20 -21.67
N VAL A 80 -28.26 15.50 -21.91
CA VAL A 80 -27.94 16.47 -20.89
C VAL A 80 -29.07 16.42 -19.87
N ILE A 81 -30.29 16.21 -20.35
CA ILE A 81 -31.43 16.10 -19.44
C ILE A 81 -31.24 14.83 -18.60
N PHE A 82 -31.08 13.71 -19.28
CA PHE A 82 -30.86 12.44 -18.61
C PHE A 82 -29.81 12.57 -17.51
N SER A 83 -28.78 13.36 -17.77
CA SER A 83 -27.70 13.54 -16.80
C SER A 83 -28.08 14.38 -15.61
N LEU A 84 -28.82 15.45 -15.86
CA LEU A 84 -29.24 16.35 -14.79
C LEU A 84 -30.22 15.64 -13.88
N THR A 85 -31.05 14.78 -14.45
CA THR A 85 -32.04 14.07 -13.64
C THR A 85 -31.42 13.17 -12.58
N LEU A 86 -30.30 12.56 -12.90
CA LEU A 86 -29.64 11.67 -11.94
C LEU A 86 -28.99 12.40 -10.80
N VAL A 87 -29.03 13.72 -10.80
CA VAL A 87 -28.39 14.49 -9.72
C VAL A 87 -29.15 14.29 -8.41
N SER A 88 -28.54 13.50 -7.52
CA SER A 88 -29.10 13.19 -6.21
C SER A 88 -29.01 14.40 -5.28
N ASP A 89 -27.79 14.82 -5.04
CA ASP A 89 -27.57 15.97 -4.18
C ASP A 89 -26.62 16.86 -4.95
N ILE A 90 -26.44 18.09 -4.47
CA ILE A 90 -25.54 19.02 -5.11
C ILE A 90 -24.83 19.81 -3.99
N ASN A 91 -23.58 19.43 -3.76
CA ASN A 91 -22.72 20.02 -2.74
C ASN A 91 -23.06 19.59 -1.32
N GLY A 92 -23.37 18.31 -1.15
CA GLY A 92 -23.68 17.78 0.17
C GLY A 92 -25.12 18.04 0.58
N ASN A 93 -25.76 19.03 -0.03
CA ASN A 93 -27.14 19.36 0.28
C ASN A 93 -28.09 18.67 -0.67
N LYS A 94 -28.97 17.84 -0.12
CA LYS A 94 -29.93 17.10 -0.92
C LYS A 94 -30.73 18.07 -1.76
N ALA A 95 -30.84 17.77 -3.05
CA ALA A 95 -31.60 18.62 -3.97
C ALA A 95 -31.77 17.90 -5.29
N ILE A 96 -32.82 18.22 -6.02
CA ILE A 96 -33.05 17.59 -7.30
C ILE A 96 -33.28 18.76 -8.25
N ILE A 97 -32.95 18.57 -9.51
CA ILE A 97 -33.12 19.63 -10.50
C ILE A 97 -33.96 19.07 -11.64
N LYS A 98 -35.09 19.70 -11.97
CA LYS A 98 -35.90 19.17 -13.05
C LYS A 98 -36.12 20.16 -14.17
N VAL A 99 -36.10 19.65 -15.40
CA VAL A 99 -36.27 20.49 -16.57
C VAL A 99 -37.70 20.94 -16.76
N LEU A 100 -37.86 22.18 -17.21
CA LEU A 100 -39.16 22.75 -17.44
C LEU A 100 -39.51 22.64 -18.92
N GLY A 101 -38.47 22.57 -19.75
CA GLY A 101 -38.70 22.45 -21.18
C GLY A 101 -37.54 22.88 -22.05
N VAL A 102 -37.49 22.37 -23.28
CA VAL A 102 -36.42 22.70 -24.22
C VAL A 102 -36.98 23.67 -25.26
N SER A 103 -36.11 24.33 -26.00
CA SER A 103 -36.60 25.26 -27.01
C SER A 103 -35.52 25.73 -27.98
N GLY A 104 -35.97 26.17 -29.16
CA GLY A 104 -35.05 26.65 -30.17
C GLY A 104 -34.22 27.86 -29.78
N THR A 105 -34.87 29.00 -29.58
CA THR A 105 -34.17 30.22 -29.21
C THR A 105 -34.34 30.50 -27.73
N ILE A 106 -33.56 31.43 -27.19
CA ILE A 106 -33.67 31.75 -25.77
C ILE A 106 -34.92 32.57 -25.46
N LYS A 107 -35.22 33.55 -26.31
CA LYS A 107 -36.39 34.38 -26.09
C LYS A 107 -37.61 33.47 -26.09
N ARG A 108 -37.64 32.55 -27.04
CA ARG A 108 -38.74 31.60 -27.19
C ARG A 108 -38.87 30.68 -25.96
N LEU A 109 -37.73 30.30 -25.38
CA LEU A 109 -37.68 29.44 -24.20
C LEU A 109 -38.01 30.22 -22.94
N LYS A 110 -37.40 31.39 -22.82
CA LYS A 110 -37.60 32.29 -21.69
C LYS A 110 -39.07 32.68 -21.64
N ARG A 111 -39.74 32.46 -22.76
CA ARG A 111 -41.16 32.76 -22.92
C ARG A 111 -42.03 31.69 -22.26
N LYS A 112 -42.25 30.62 -23.01
CA LYS A 112 -43.07 29.49 -22.58
C LYS A 112 -42.77 28.86 -21.22
N PHE A 113 -41.72 29.28 -20.51
CA PHE A 113 -41.41 28.62 -19.24
C PHE A 113 -40.97 29.51 -18.07
N LEU A 114 -39.99 30.37 -18.34
CA LEU A 114 -39.47 31.23 -17.29
C LEU A 114 -40.24 32.50 -17.01
N SER A 115 -40.69 33.18 -18.07
CA SER A 115 -41.43 34.42 -17.93
C SER A 115 -42.38 34.37 -16.74
N GLN A 116 -42.86 33.18 -16.41
CA GLN A 116 -43.84 32.99 -15.27
C GLN A 116 -43.09 32.68 -13.89
N PHE A 117 -41.88 33.25 -13.84
CA PHE A 117 -41.00 33.24 -12.70
C PHE A 117 -40.50 34.66 -12.86
N GLY A 118 -39.41 35.02 -12.20
CA GLY A 118 -38.93 36.38 -12.35
C GLY A 118 -38.13 36.59 -13.62
N TRP A 119 -38.63 36.11 -14.76
CA TRP A 119 -37.92 36.24 -16.05
C TRP A 119 -38.69 37.01 -17.13
N ARG A 120 -37.94 37.61 -18.08
CA ARG A 120 -38.51 38.37 -19.19
C ARG A 120 -37.46 38.58 -20.30
N LYS B 15 -24.22 -9.47 -33.04
CA LYS B 15 -24.42 -8.19 -32.28
C LYS B 15 -23.26 -7.87 -31.33
N LYS B 16 -22.26 -8.75 -31.30
CA LYS B 16 -21.09 -8.55 -30.47
C LYS B 16 -19.82 -8.51 -31.32
N ARG B 17 -18.76 -7.97 -30.76
CA ARG B 17 -17.47 -7.90 -31.44
C ARG B 17 -16.39 -8.15 -30.41
N TYR B 18 -15.31 -8.77 -30.84
CA TYR B 18 -14.22 -9.06 -29.93
C TYR B 18 -12.99 -8.31 -30.40
N ILE B 19 -12.29 -7.67 -29.47
CA ILE B 19 -11.09 -6.95 -29.82
C ILE B 19 -9.92 -7.47 -29.02
N ALA B 20 -8.83 -7.80 -29.72
CA ALA B 20 -7.61 -8.32 -29.09
C ALA B 20 -6.65 -7.19 -28.74
N PHE B 21 -6.01 -7.28 -27.58
CA PHE B 21 -5.10 -6.23 -27.16
C PHE B 21 -3.90 -6.78 -26.44
N LYS B 22 -2.84 -5.98 -26.45
CA LYS B 22 -1.59 -6.33 -25.81
C LYS B 22 -1.25 -5.13 -24.97
N VAL B 23 -0.60 -5.35 -23.83
CA VAL B 23 -0.22 -4.23 -23.00
C VAL B 23 1.31 -4.10 -22.97
N ILE B 24 1.76 -2.87 -23.17
CA ILE B 24 3.17 -2.51 -23.20
C ILE B 24 3.55 -1.89 -21.87
N SER B 25 4.28 -2.61 -21.03
CA SER B 25 4.67 -2.00 -19.77
C SER B 25 5.97 -2.53 -19.22
N GLU B 26 6.47 -1.84 -18.22
CA GLU B 26 7.71 -2.25 -17.60
C GLU B 26 7.45 -3.50 -16.77
N ASN B 27 6.29 -3.60 -16.13
CA ASN B 27 5.99 -4.78 -15.31
C ASN B 27 4.74 -5.55 -15.68
N GLN B 28 4.59 -6.72 -15.08
CA GLN B 28 3.47 -7.62 -15.31
C GLN B 28 2.20 -7.17 -14.60
N PHE B 29 1.06 -7.65 -15.09
CA PHE B 29 -0.23 -7.30 -14.52
C PHE B 29 -1.10 -8.56 -14.50
N ASN B 30 -2.03 -8.63 -13.55
CA ASN B 30 -2.93 -9.79 -13.41
C ASN B 30 -4.36 -9.53 -13.88
N LYS B 31 -5.05 -10.61 -14.24
CA LYS B 31 -6.44 -10.53 -14.70
C LYS B 31 -7.20 -9.42 -13.99
N ASP B 32 -7.29 -9.53 -12.67
CA ASP B 32 -8.01 -8.56 -11.87
C ASP B 32 -7.59 -7.12 -12.08
N GLU B 33 -6.28 -6.87 -12.21
CA GLU B 33 -5.80 -5.52 -12.40
C GLU B 33 -6.23 -4.86 -13.71
N ILE B 34 -5.88 -5.50 -14.82
CA ILE B 34 -6.23 -4.91 -16.10
C ILE B 34 -7.75 -4.93 -16.25
N LYS B 35 -8.42 -5.89 -15.62
CA LYS B 35 -9.87 -5.95 -15.69
C LYS B 35 -10.45 -4.65 -15.11
N GLU B 36 -9.99 -4.29 -13.91
CA GLU B 36 -10.46 -3.07 -13.26
C GLU B 36 -10.13 -1.88 -14.14
N ALA B 37 -8.87 -1.80 -14.58
CA ALA B 37 -8.42 -0.70 -15.44
C ALA B 37 -9.34 -0.49 -16.64
N ILE B 38 -9.59 -1.58 -17.38
CA ILE B 38 -10.48 -1.52 -18.54
C ILE B 38 -11.81 -0.91 -18.18
N TRP B 39 -12.28 -1.18 -16.97
CA TRP B 39 -13.55 -0.62 -16.57
C TRP B 39 -13.45 0.87 -16.30
N ASN B 40 -12.58 1.28 -15.39
CA ASN B 40 -12.42 2.70 -15.12
C ASN B 40 -12.19 3.49 -16.42
N ALA B 41 -11.47 2.89 -17.37
CA ALA B 41 -11.21 3.54 -18.64
C ALA B 41 -12.52 3.92 -19.32
N CYS B 42 -13.43 2.96 -19.45
CA CYS B 42 -14.72 3.23 -20.07
C CYS B 42 -15.58 4.17 -19.24
N LEU B 43 -15.45 4.11 -17.92
CA LEU B 43 -16.22 4.97 -17.06
C LEU B 43 -15.80 6.43 -17.26
N ARG B 44 -14.51 6.69 -17.18
CA ARG B 44 -14.04 8.06 -17.36
C ARG B 44 -14.34 8.62 -18.73
N THR B 45 -14.03 7.84 -19.76
CA THR B 45 -14.25 8.28 -21.13
C THR B 45 -15.67 8.22 -21.67
N LEU B 46 -16.36 7.12 -21.41
CA LEU B 46 -17.71 6.96 -21.91
C LEU B 46 -18.83 7.29 -20.92
N GLY B 47 -18.50 7.44 -19.65
CA GLY B 47 -19.51 7.73 -18.66
C GLY B 47 -20.33 6.50 -18.33
N GLU B 48 -21.11 6.56 -17.26
CA GLU B 48 -21.93 5.43 -16.87
C GLU B 48 -22.88 5.00 -17.99
N LEU B 49 -23.48 5.98 -18.64
CA LEU B 49 -24.41 5.70 -19.72
C LEU B 49 -23.68 5.03 -20.87
N GLY B 50 -22.59 5.65 -21.32
CA GLY B 50 -21.80 5.12 -22.43
C GLY B 50 -21.34 3.70 -22.17
N THR B 51 -20.84 3.46 -20.96
CA THR B 51 -20.37 2.13 -20.59
C THR B 51 -21.53 1.15 -20.70
N ALA B 52 -22.70 1.58 -20.25
CA ALA B 52 -23.89 0.74 -20.31
C ALA B 52 -24.24 0.31 -21.73
N LYS B 53 -24.09 1.21 -22.68
CA LYS B 53 -24.40 0.90 -24.05
C LYS B 53 -23.31 0.01 -24.66
N ALA B 54 -22.05 0.34 -24.38
CA ALA B 54 -20.92 -0.42 -24.91
C ALA B 54 -20.81 -1.85 -24.40
N LYS B 55 -21.23 -2.08 -23.15
CA LYS B 55 -21.19 -3.42 -22.54
C LYS B 55 -19.82 -4.08 -22.71
N PRO B 56 -18.77 -3.49 -22.10
CA PRO B 56 -17.42 -4.02 -22.19
C PRO B 56 -17.22 -5.20 -21.27
N TRP B 57 -16.76 -6.33 -21.81
CA TRP B 57 -16.50 -7.50 -20.98
C TRP B 57 -15.10 -8.04 -21.28
N LEU B 58 -14.37 -8.37 -20.23
CA LEU B 58 -13.03 -8.92 -20.37
C LEU B 58 -13.16 -10.43 -20.39
N ILE B 59 -13.29 -11.04 -21.57
CA ILE B 59 -13.45 -12.48 -21.61
C ILE B 59 -12.23 -13.29 -21.17
N LYS B 60 -11.03 -12.94 -21.62
CA LYS B 60 -9.83 -13.67 -21.19
C LYS B 60 -8.55 -12.84 -21.25
N PHE B 61 -7.65 -13.05 -20.30
CA PHE B 61 -6.41 -12.31 -20.27
C PHE B 61 -5.23 -13.20 -19.91
N ASP B 62 -4.34 -13.44 -20.87
CA ASP B 62 -3.17 -14.29 -20.65
C ASP B 62 -2.08 -13.57 -19.85
N GLU B 63 -2.05 -13.80 -18.53
CA GLU B 63 -1.08 -13.15 -17.65
C GLU B 63 0.37 -13.33 -18.06
N THR B 64 0.67 -14.41 -18.77
CA THR B 64 2.03 -14.66 -19.17
C THR B 64 2.51 -13.78 -20.32
N THR B 65 1.70 -13.65 -21.36
CA THR B 65 2.06 -12.83 -22.52
C THR B 65 1.42 -11.44 -22.51
N GLN B 66 0.83 -11.05 -21.38
CA GLN B 66 0.17 -9.74 -21.27
C GLN B 66 -0.66 -9.45 -22.53
N THR B 67 -1.53 -10.39 -22.85
CA THR B 67 -2.39 -10.33 -24.01
C THR B 67 -3.80 -10.64 -23.52
N GLY B 68 -4.82 -10.19 -24.25
CA GLY B 68 -6.19 -10.47 -23.83
C GLY B 68 -7.27 -10.12 -24.82
N ILE B 69 -8.50 -10.53 -24.51
CA ILE B 69 -9.63 -10.25 -25.38
C ILE B 69 -10.76 -9.53 -24.63
N ILE B 70 -11.43 -8.64 -25.34
CA ILE B 70 -12.54 -7.86 -24.80
C ILE B 70 -13.73 -7.97 -25.74
N ARG B 71 -14.93 -8.03 -25.16
CA ARG B 71 -16.15 -8.12 -25.95
C ARG B 71 -16.90 -6.80 -25.76
N SER B 72 -17.61 -6.36 -26.80
CA SER B 72 -18.38 -5.12 -26.69
C SER B 72 -19.47 -5.10 -27.74
N ASP B 73 -20.47 -4.24 -27.52
CA ASP B 73 -21.58 -4.12 -28.47
C ASP B 73 -21.01 -3.80 -29.84
N ARG B 74 -21.56 -4.42 -30.87
CA ARG B 74 -21.08 -4.21 -32.23
C ARG B 74 -20.99 -2.74 -32.62
N ASN B 75 -21.85 -1.90 -32.06
CA ASN B 75 -21.86 -0.48 -32.43
C ASN B 75 -21.03 0.41 -31.56
N HIS B 76 -20.25 -0.16 -30.65
CA HIS B 76 -19.44 0.66 -29.78
C HIS B 76 -17.99 0.20 -29.69
N VAL B 77 -17.58 -0.59 -30.66
CA VAL B 77 -16.21 -1.08 -30.69
C VAL B 77 -15.22 0.05 -30.61
N TYR B 78 -15.35 1.03 -31.50
CA TYR B 78 -14.41 2.13 -31.50
C TYR B 78 -14.48 3.08 -30.30
N ASP B 79 -15.48 2.90 -29.46
CA ASP B 79 -15.59 3.73 -28.26
C ASP B 79 -14.81 3.05 -27.16
N VAL B 80 -14.84 1.71 -27.15
CA VAL B 80 -14.12 0.97 -26.15
C VAL B 80 -12.64 1.09 -26.49
N ILE B 81 -12.32 1.12 -27.79
CA ILE B 81 -10.94 1.27 -28.20
C ILE B 81 -10.49 2.67 -27.77
N PHE B 82 -11.25 3.66 -28.21
CA PHE B 82 -10.93 5.04 -27.88
C PHE B 82 -10.65 5.18 -26.39
N SER B 83 -11.41 4.46 -25.56
CA SER B 83 -11.24 4.55 -24.13
C SER B 83 -9.97 3.88 -23.61
N LEU B 84 -9.65 2.72 -24.15
CA LEU B 84 -8.46 1.98 -23.73
C LEU B 84 -7.21 2.74 -24.12
N THR B 85 -7.25 3.44 -25.25
CA THR B 85 -6.09 4.18 -25.72
C THR B 85 -5.69 5.28 -24.77
N LEU B 86 -6.67 5.92 -24.14
CA LEU B 86 -6.36 7.00 -23.21
C LEU B 86 -5.76 6.54 -21.90
N VAL B 87 -5.60 5.23 -21.71
CA VAL B 87 -5.04 4.71 -20.47
C VAL B 87 -3.56 5.05 -20.35
N SER B 88 -3.27 6.03 -19.49
CA SER B 88 -1.91 6.51 -19.26
C SER B 88 -1.12 5.50 -18.46
N ASP B 89 -1.60 5.22 -17.27
CA ASP B 89 -0.94 4.26 -16.40
C ASP B 89 -2.05 3.33 -15.91
N ILE B 90 -1.66 2.23 -15.30
CA ILE B 90 -2.63 1.28 -14.79
C ILE B 90 -2.08 0.74 -13.47
N ASN B 91 -2.66 1.26 -12.38
CA ASN B 91 -2.29 0.92 -11.00
C ASN B 91 -0.98 1.55 -10.54
N GLY B 92 -0.77 2.81 -10.90
CA GLY B 92 0.43 3.51 -10.49
C GLY B 92 1.62 3.22 -11.38
N ASN B 93 1.61 2.08 -12.05
CA ASN B 93 2.69 1.69 -12.95
C ASN B 93 2.42 2.13 -14.37
N LYS B 94 3.32 2.96 -14.91
CA LYS B 94 3.16 3.46 -16.27
C LYS B 94 3.06 2.30 -17.23
N ALA B 95 2.05 2.38 -18.09
CA ALA B 95 1.82 1.34 -19.09
C ALA B 95 0.80 1.83 -20.09
N ILE B 96 0.87 1.30 -21.29
CA ILE B 96 -0.09 1.67 -22.33
C ILE B 96 -0.62 0.37 -22.89
N ILE B 97 -1.84 0.38 -23.37
CA ILE B 97 -2.44 -0.85 -23.88
C ILE B 97 -2.92 -0.57 -25.29
N LYS B 98 -2.44 -1.33 -26.27
CA LYS B 98 -2.88 -1.07 -27.65
C LYS B 98 -3.57 -2.24 -28.30
N VAL B 99 -4.62 -1.94 -29.07
CA VAL B 99 -5.39 -2.98 -29.74
C VAL B 99 -4.66 -3.57 -30.93
N LEU B 100 -4.82 -4.87 -31.10
CA LEU B 100 -4.19 -5.58 -32.19
C LEU B 100 -5.19 -5.75 -33.31
N GLY B 101 -6.48 -5.72 -32.98
CA GLY B 101 -7.51 -5.87 -33.99
C GLY B 101 -8.86 -6.34 -33.48
N VAL B 102 -9.92 -6.02 -34.22
CA VAL B 102 -11.26 -6.42 -33.84
C VAL B 102 -11.68 -7.59 -34.74
N SER B 103 -12.73 -8.31 -34.35
CA SER B 103 -13.19 -9.42 -35.16
C SER B 103 -14.56 -9.97 -34.78
N GLY B 104 -15.19 -10.64 -35.73
CA GLY B 104 -16.52 -11.19 -35.51
C GLY B 104 -16.59 -12.23 -34.40
N THR B 105 -15.93 -13.37 -34.63
CA THR B 105 -15.94 -14.45 -33.65
C THR B 105 -14.63 -14.50 -32.90
N ILE B 106 -14.58 -15.26 -31.81
CA ILE B 106 -13.35 -15.35 -31.03
C ILE B 106 -12.30 -16.21 -31.72
N LYS B 107 -12.72 -17.34 -32.27
CA LYS B 107 -11.79 -18.22 -32.96
C LYS B 107 -11.15 -17.42 -34.09
N ARG B 108 -11.98 -16.68 -34.81
CA ARG B 108 -11.53 -15.86 -35.94
C ARG B 108 -10.53 -14.77 -35.49
N LEU B 109 -10.77 -14.21 -34.30
CA LEU B 109 -9.93 -13.15 -33.72
C LEU B 109 -8.65 -13.74 -33.16
N LYS B 110 -8.81 -14.82 -32.40
CA LYS B 110 -7.71 -15.53 -31.77
C LYS B 110 -6.79 -16.04 -32.87
N ARG B 111 -7.31 -16.07 -34.08
CA ARG B 111 -6.57 -16.53 -35.26
C ARG B 111 -5.63 -15.43 -35.76
N LYS B 112 -6.19 -14.50 -36.54
CA LYS B 112 -5.45 -13.40 -37.14
C LYS B 112 -4.58 -12.51 -36.23
N PHE B 113 -4.60 -12.72 -34.91
CA PHE B 113 -3.82 -11.85 -34.05
C PHE B 113 -3.07 -12.48 -32.88
N LEU B 114 -3.77 -13.28 -32.11
CA LEU B 114 -3.17 -13.92 -30.94
C LEU B 114 -2.37 -15.19 -31.19
N SER B 115 -2.92 -16.06 -32.04
CA SER B 115 -2.26 -17.32 -32.35
C SER B 115 -0.75 -17.16 -32.44
N GLN B 116 -0.31 -15.96 -32.84
CA GLN B 116 1.14 -15.68 -32.99
C GLN B 116 1.81 -15.09 -31.66
N PHE B 117 1.20 -15.53 -30.57
CA PHE B 117 1.60 -15.25 -29.20
C PHE B 117 1.29 -16.64 -28.67
N GLY B 118 1.21 -16.79 -27.36
CA GLY B 118 0.91 -18.10 -26.82
C GLY B 118 -0.56 -18.46 -26.88
N TRP B 119 -1.23 -18.21 -28.01
CA TRP B 119 -2.65 -18.51 -28.16
C TRP B 119 -3.00 -19.51 -29.26
N ARG B 120 -4.15 -20.18 -29.10
CA ARG B 120 -4.65 -21.16 -30.06
C ARG B 120 -6.14 -21.48 -29.81
N LYS C 15 -5.57 1.62 22.10
CA LYS C 15 -4.07 1.71 22.06
C LYS C 15 -3.40 0.34 22.17
N LYS C 16 -4.21 -0.71 22.28
CA LYS C 16 -3.71 -2.07 22.38
C LYS C 16 -4.25 -2.92 21.22
N ARG C 17 -3.59 -4.04 20.96
CA ARG C 17 -4.01 -4.97 19.91
C ARG C 17 -3.74 -6.36 20.42
N TYR C 18 -4.60 -7.29 20.01
CA TYR C 18 -4.45 -8.66 20.43
C TYR C 18 -4.18 -9.52 19.20
N ILE C 19 -3.22 -10.42 19.32
CA ILE C 19 -2.90 -11.29 18.21
C ILE C 19 -3.00 -12.75 18.65
N ALA C 20 -3.76 -13.53 17.89
CA ALA C 20 -3.95 -14.94 18.17
C ALA C 20 -2.90 -15.78 17.46
N PHE C 21 -2.40 -16.81 18.15
CA PHE C 21 -1.38 -17.66 17.57
C PHE C 21 -1.56 -19.13 17.94
N LYS C 22 -1.01 -19.98 17.10
CA LYS C 22 -1.07 -21.41 17.30
C LYS C 22 0.37 -21.86 17.17
N VAL C 23 0.74 -22.91 17.89
CA VAL C 23 2.09 -23.41 17.80
C VAL C 23 2.09 -24.80 17.17
N ILE C 24 2.98 -24.98 16.19
CA ILE C 24 3.13 -26.21 15.45
C ILE C 24 4.33 -26.96 15.99
N SER C 25 4.11 -28.05 16.71
CA SER C 25 5.25 -28.79 17.21
C SER C 25 5.00 -30.26 17.42
N GLU C 26 6.08 -30.99 17.62
CA GLU C 26 5.96 -32.42 17.83
C GLU C 26 5.39 -32.66 19.22
N ASN C 27 5.77 -31.83 20.19
CA ASN C 27 5.24 -32.03 21.55
C ASN C 27 4.51 -30.84 22.14
N GLN C 28 3.87 -31.09 23.29
CA GLN C 28 3.11 -30.08 24.02
C GLN C 28 3.98 -29.10 24.78
N PHE C 29 3.41 -27.96 25.12
CA PHE C 29 4.13 -26.92 25.86
C PHE C 29 3.17 -26.30 26.88
N ASN C 30 3.71 -25.78 27.98
CA ASN C 30 2.90 -25.19 29.04
C ASN C 30 2.99 -23.66 29.09
N LYS C 31 1.96 -23.05 29.67
CA LYS C 31 1.89 -21.59 29.81
C LYS C 31 3.26 -20.99 30.04
N ASP C 32 3.89 -21.41 31.12
CA ASP C 32 5.20 -20.91 31.49
C ASP C 32 6.26 -21.02 30.40
N GLU C 33 6.27 -22.13 29.67
CA GLU C 33 7.27 -22.32 28.63
C GLU C 33 7.15 -21.37 27.45
N ILE C 34 5.98 -21.36 26.82
CA ILE C 34 5.80 -20.49 25.67
C ILE C 34 5.85 -19.04 26.14
N LYS C 35 5.47 -18.79 27.38
CA LYS C 35 5.50 -17.42 27.91
C LYS C 35 6.94 -16.93 27.88
N GLU C 36 7.85 -17.74 28.41
CA GLU C 36 9.25 -17.38 28.43
C GLU C 36 9.76 -17.19 27.02
N ALA C 37 9.47 -18.17 26.17
CA ALA C 37 9.89 -18.13 24.76
C ALA C 37 9.49 -16.82 24.09
N ILE C 38 8.21 -16.47 24.20
CA ILE C 38 7.70 -15.23 23.62
C ILE C 38 8.53 -14.05 24.08
N TRP C 39 9.00 -14.10 25.32
CA TRP C 39 9.80 -12.99 25.82
C TRP C 39 11.18 -12.98 25.17
N ASN C 40 11.93 -14.06 25.32
CA ASN C 40 13.26 -14.11 24.69
C ASN C 40 13.18 -13.75 23.22
N ALA C 41 12.10 -14.13 22.56
CA ALA C 41 11.93 -13.82 21.15
C ALA C 41 12.00 -12.31 20.92
N CYS C 42 11.22 -11.56 21.70
CA CYS C 42 11.22 -10.10 21.57
C CYS C 42 12.53 -9.49 22.03
N LEU C 43 13.18 -10.10 23.00
CA LEU C 43 14.44 -9.57 23.48
C LEU C 43 15.50 -9.69 22.40
N ARG C 44 15.65 -10.87 21.82
CA ARG C 44 16.67 -11.05 20.79
C ARG C 44 16.41 -10.20 19.58
N THR C 45 15.17 -10.21 19.09
CA THR C 45 14.80 -9.46 17.89
C THR C 45 14.60 -7.96 18.06
N LEU C 46 13.89 -7.56 19.09
CA LEU C 46 13.60 -6.16 19.33
C LEU C 46 14.51 -5.44 20.32
N GLY C 47 15.30 -6.20 21.07
CA GLY C 47 16.18 -5.58 22.05
C GLY C 47 15.39 -5.11 23.26
N GLU C 48 16.11 -4.78 24.35
CA GLU C 48 15.44 -4.33 25.56
C GLU C 48 14.56 -3.12 25.30
N LEU C 49 15.08 -2.19 24.50
CA LEU C 49 14.34 -0.97 24.18
C LEU C 49 13.09 -1.32 23.39
N GLY C 50 13.28 -2.05 22.30
CA GLY C 50 12.17 -2.46 21.46
C GLY C 50 11.09 -3.17 22.23
N THR C 51 11.49 -4.11 23.09
CA THR C 51 10.53 -4.85 23.89
C THR C 51 9.73 -3.89 24.78
N ALA C 52 10.44 -2.91 25.32
CA ALA C 52 9.83 -1.92 26.19
C ALA C 52 8.73 -1.13 25.48
N LYS C 53 8.96 -0.81 24.22
CA LYS C 53 7.97 -0.07 23.45
C LYS C 53 6.81 -0.97 23.07
N ALA C 54 7.12 -2.18 22.62
CA ALA C 54 6.10 -3.14 22.19
C ALA C 54 5.18 -3.62 23.30
N LYS C 55 5.70 -3.71 24.53
CA LYS C 55 4.91 -4.16 25.68
C LYS C 55 4.15 -5.45 25.38
N PRO C 56 4.87 -6.56 25.14
CA PRO C 56 4.26 -7.84 24.84
C PRO C 56 3.74 -8.55 26.08
N TRP C 57 2.46 -8.90 26.08
CA TRP C 57 1.91 -9.61 27.24
C TRP C 57 1.18 -10.86 26.77
N LEU C 58 1.40 -11.97 27.47
CA LEU C 58 0.75 -13.23 27.15
C LEU C 58 -0.51 -13.31 27.99
N ILE C 59 -1.65 -12.83 27.48
CA ILE C 59 -2.86 -12.87 28.28
C ILE C 59 -3.42 -14.27 28.56
N LYS C 60 -3.46 -15.16 27.59
CA LYS C 60 -3.95 -16.53 27.85
C LYS C 60 -3.40 -17.55 26.88
N PHE C 61 -3.14 -18.76 27.36
CA PHE C 61 -2.62 -19.83 26.52
C PHE C 61 -3.27 -21.17 26.82
N ASP C 62 -4.08 -21.67 25.88
CA ASP C 62 -4.77 -22.95 26.06
C ASP C 62 -3.83 -24.15 25.88
N GLU C 63 -3.31 -24.68 26.98
CA GLU C 63 -2.39 -25.80 26.92
C GLU C 63 -2.87 -27.01 26.16
N THR C 64 -4.19 -27.17 26.08
CA THR C 64 -4.76 -28.32 25.39
C THR C 64 -4.68 -28.22 23.86
N THR C 65 -5.07 -27.08 23.32
CA THR C 65 -5.05 -26.87 21.88
C THR C 65 -3.81 -26.09 21.39
N GLN C 66 -2.81 -25.91 22.26
CA GLN C 66 -1.60 -25.17 21.91
C GLN C 66 -1.95 -23.91 21.12
N THR C 67 -2.85 -23.11 21.71
CA THR C 67 -3.34 -21.88 21.12
C THR C 67 -3.22 -20.81 22.19
N GLY C 68 -3.16 -19.54 21.78
CA GLY C 68 -3.03 -18.48 22.77
C GLY C 68 -3.19 -17.07 22.24
N ILE C 69 -3.23 -16.10 23.16
CA ILE C 69 -3.37 -14.70 22.78
C ILE C 69 -2.28 -13.84 23.39
N ILE C 70 -1.85 -12.84 22.64
CA ILE C 70 -0.80 -11.92 23.06
C ILE C 70 -1.30 -10.49 22.86
N ARG C 71 -0.93 -9.61 23.78
CA ARG C 71 -1.31 -8.20 23.68
C ARG C 71 -0.05 -7.39 23.42
N SER C 72 -0.18 -6.30 22.67
CA SER C 72 0.98 -5.47 22.38
C SER C 72 0.54 -4.07 22.00
N ASP C 73 1.45 -3.11 22.08
CA ASP C 73 1.14 -1.74 21.72
C ASP C 73 0.62 -1.72 20.29
N ARG C 74 -0.42 -0.93 20.06
CA ARG C 74 -1.02 -0.83 18.75
C ARG C 74 -0.02 -0.56 17.63
N ASN C 75 1.07 0.14 17.93
CA ASN C 75 2.04 0.47 16.89
C ASN C 75 3.20 -0.50 16.75
N HIS C 76 3.14 -1.62 17.43
CA HIS C 76 4.24 -2.57 17.35
C HIS C 76 3.78 -3.99 17.10
N VAL C 77 2.54 -4.13 16.65
CA VAL C 77 1.99 -5.44 16.38
C VAL C 77 2.88 -6.24 15.45
N TYR C 78 3.24 -5.66 14.32
CA TYR C 78 4.08 -6.36 13.36
C TYR C 78 5.52 -6.60 13.80
N ASP C 79 5.93 -6.01 14.91
CA ASP C 79 7.27 -6.24 15.43
C ASP C 79 7.22 -7.45 16.33
N VAL C 80 6.12 -7.61 17.06
CA VAL C 80 5.97 -8.76 17.93
C VAL C 80 5.77 -9.98 17.05
N ILE C 81 5.06 -9.79 15.94
CA ILE C 81 4.83 -10.89 15.01
C ILE C 81 6.18 -11.26 14.42
N PHE C 82 6.85 -10.26 13.84
CA PHE C 82 8.16 -10.49 13.24
C PHE C 82 9.07 -11.27 14.19
N SER C 83 8.96 -10.99 15.48
CA SER C 83 9.79 -11.66 16.48
C SER C 83 9.41 -13.10 16.74
N LEU C 84 8.11 -13.36 16.84
CA LEU C 84 7.62 -14.70 17.07
C LEU C 84 7.94 -15.61 15.90
N THR C 85 7.90 -15.06 14.69
CA THR C 85 8.16 -15.87 13.51
C THR C 85 9.57 -16.42 13.49
N LEU C 86 10.54 -15.67 13.99
CA LEU C 86 11.92 -16.14 14.00
C LEU C 86 12.18 -17.24 15.01
N VAL C 87 11.17 -17.62 15.80
CA VAL C 87 11.37 -18.66 16.80
C VAL C 87 11.59 -20.02 16.14
N SER C 88 12.84 -20.47 16.16
CA SER C 88 13.24 -21.73 15.57
C SER C 88 12.77 -22.89 16.41
N ASP C 89 13.22 -22.93 17.64
CA ASP C 89 12.82 -23.99 18.56
C ASP C 89 12.42 -23.27 19.83
N ILE C 90 11.79 -24.00 20.74
CA ILE C 90 11.35 -23.44 22.00
C ILE C 90 11.58 -24.50 23.09
N ASN C 91 12.66 -24.29 23.84
CA ASN C 91 13.08 -25.16 24.93
C ASN C 91 13.75 -26.44 24.43
N GLY C 92 14.60 -26.32 23.42
CA GLY C 92 15.29 -27.48 22.90
C GLY C 92 14.47 -28.31 21.93
N ASN C 93 13.14 -28.19 22.04
CA ASN C 93 12.23 -28.93 21.16
C ASN C 93 11.85 -28.10 19.94
N LYS C 94 12.19 -28.62 18.75
CA LYS C 94 11.88 -27.92 17.53
C LYS C 94 10.40 -27.62 17.44
N ALA C 95 10.07 -26.38 17.13
CA ALA C 95 8.69 -25.96 17.02
C ALA C 95 8.64 -24.60 16.39
N ILE C 96 7.54 -24.28 15.72
CA ILE C 96 7.39 -22.97 15.11
C ILE C 96 6.04 -22.47 15.61
N ILE C 97 5.89 -21.15 15.71
CA ILE C 97 4.65 -20.59 16.19
C ILE C 97 4.16 -19.59 15.14
N LYS C 98 2.94 -19.77 14.62
CA LYS C 98 2.47 -18.83 13.61
C LYS C 98 1.19 -18.12 14.00
N VAL C 99 1.13 -16.83 13.67
CA VAL C 99 -0.05 -16.02 14.01
C VAL C 99 -1.25 -16.35 13.16
N LEU C 100 -2.42 -16.30 13.78
CA LEU C 100 -3.65 -16.59 13.09
C LEU C 100 -4.32 -15.28 12.70
N GLY C 101 -4.01 -14.21 13.44
CA GLY C 101 -4.59 -12.92 13.13
C GLY C 101 -4.59 -11.93 14.28
N VAL C 102 -4.63 -10.64 13.96
CA VAL C 102 -4.63 -9.59 14.96
C VAL C 102 -6.05 -9.04 15.07
N SER C 103 -6.35 -8.31 16.14
CA SER C 103 -7.68 -7.75 16.29
C SER C 103 -7.79 -6.70 17.38
N GLY C 104 -8.82 -5.85 17.27
CA GLY C 104 -9.04 -4.79 18.23
C GLY C 104 -9.32 -5.27 19.64
N THR C 105 -10.45 -5.94 19.84
CA THR C 105 -10.82 -6.45 21.15
C THR C 105 -10.55 -7.94 21.24
N ILE C 106 -10.59 -8.50 22.45
CA ILE C 106 -10.36 -9.93 22.62
C ILE C 106 -11.55 -10.77 22.16
N LYS C 107 -12.76 -10.33 22.51
CA LYS C 107 -13.96 -11.06 22.10
C LYS C 107 -13.97 -11.13 20.58
N ARG C 108 -13.66 -10.00 19.94
CA ARG C 108 -13.63 -9.89 18.49
C ARG C 108 -12.56 -10.80 17.87
N LEU C 109 -11.43 -10.95 18.56
CA LEU C 109 -10.30 -11.77 18.12
C LEU C 109 -10.61 -13.25 18.39
N LYS C 110 -11.08 -13.52 19.60
CA LYS C 110 -11.43 -14.86 20.03
C LYS C 110 -12.53 -15.39 19.11
N ARG C 111 -13.16 -14.47 18.40
CA ARG C 111 -14.24 -14.78 17.48
C ARG C 111 -13.68 -15.32 16.15
N LYS C 112 -13.29 -14.40 15.28
CA LYS C 112 -12.76 -14.71 13.95
C LYS C 112 -11.61 -15.72 13.85
N PHE C 113 -11.07 -16.22 14.96
CA PHE C 113 -9.93 -17.13 14.85
C PHE C 113 -9.89 -18.33 15.79
N LEU C 114 -10.08 -18.08 17.07
CA LEU C 114 -10.04 -19.14 18.07
C LEU C 114 -11.30 -19.95 18.25
N SER C 115 -12.44 -19.26 18.27
CA SER C 115 -13.74 -19.92 18.46
C SER C 115 -13.78 -21.26 17.73
N GLN C 116 -13.03 -21.36 16.62
CA GLN C 116 -13.01 -22.62 15.81
C GLN C 116 -11.86 -23.62 16.27
N PHE C 117 -11.58 -23.51 17.56
CA PHE C 117 -10.64 -24.34 18.28
C PHE C 117 -11.49 -24.44 19.54
N GLY C 118 -10.89 -24.89 20.65
CA GLY C 118 -11.66 -24.99 21.86
C GLY C 118 -11.87 -23.65 22.56
N TRP C 119 -12.21 -22.60 21.83
CA TRP C 119 -12.41 -21.26 22.42
C TRP C 119 -13.83 -20.67 22.26
N ARG C 120 -14.19 -19.77 23.17
CA ARG C 120 -15.49 -19.09 23.15
C ARG C 120 -15.48 -17.86 24.07
N LYS D 15 22.53 10.71 4.40
CA LYS D 15 21.75 9.62 5.04
C LYS D 15 22.52 8.95 6.19
N LYS D 16 23.73 9.42 6.44
CA LYS D 16 24.55 8.89 7.51
C LYS D 16 24.90 10.00 8.51
N ARG D 17 25.31 9.59 9.70
CA ARG D 17 25.72 10.53 10.74
C ARG D 17 26.89 9.90 11.48
N TYR D 18 27.79 10.76 11.94
CA TYR D 18 28.96 10.28 12.66
C TYR D 18 28.90 10.82 14.07
N ILE D 19 29.18 9.96 15.04
CA ILE D 19 29.18 10.39 16.43
C ILE D 19 30.51 10.08 17.07
N ALA D 20 31.10 11.10 17.71
CA ALA D 20 32.40 10.98 18.37
C ALA D 20 32.21 10.59 19.83
N PHE D 21 33.07 9.71 20.32
CA PHE D 21 32.96 9.25 21.69
C PHE D 21 34.32 9.06 22.34
N LYS D 22 34.31 9.12 23.67
CA LYS D 22 35.50 8.93 24.46
C LYS D 22 35.11 7.91 25.50
N VAL D 23 36.06 7.09 25.91
CA VAL D 23 35.77 6.10 26.92
C VAL D 23 36.51 6.41 28.22
N ILE D 24 35.77 6.38 29.32
CA ILE D 24 36.29 6.67 30.65
C ILE D 24 36.54 5.37 31.37
N SER D 25 37.80 4.99 31.55
CA SER D 25 38.06 3.75 32.27
C SER D 25 39.38 3.72 32.99
N GLU D 26 39.52 2.71 33.85
CA GLU D 26 40.74 2.57 34.59
C GLU D 26 41.84 2.08 33.66
N ASN D 27 41.50 1.21 32.71
CA ASN D 27 42.53 0.72 31.78
C ASN D 27 42.25 0.96 30.30
N GLN D 28 43.27 0.68 29.49
CA GLN D 28 43.22 0.85 28.05
C GLN D 28 42.43 -0.24 27.35
N PHE D 29 41.98 0.05 26.13
CA PHE D 29 41.22 -0.90 25.33
C PHE D 29 41.69 -0.80 23.88
N ASN D 30 41.56 -1.90 23.13
CA ASN D 30 41.98 -1.93 21.72
C ASN D 30 40.82 -1.93 20.74
N LYS D 31 41.10 -1.50 19.51
CA LYS D 31 40.10 -1.43 18.45
C LYS D 31 39.11 -2.59 18.54
N ASP D 32 39.64 -3.80 18.46
CA ASP D 32 38.81 -5.01 18.51
C ASP D 32 37.89 -5.11 19.73
N GLU D 33 38.40 -4.72 20.89
CA GLU D 33 37.58 -4.79 22.10
C GLU D 33 36.39 -3.87 22.12
N ILE D 34 36.63 -2.57 21.97
CA ILE D 34 35.52 -1.64 21.99
C ILE D 34 34.62 -1.90 20.78
N LYS D 35 35.20 -2.40 19.70
CA LYS D 35 34.41 -2.68 18.51
C LYS D 35 33.35 -3.71 18.87
N GLU D 36 33.78 -4.80 19.50
CA GLU D 36 32.86 -5.85 19.88
C GLU D 36 31.82 -5.30 20.85
N ALA D 37 32.29 -4.59 21.86
CA ALA D 37 31.42 -3.99 22.86
C ALA D 37 30.31 -3.17 22.21
N ILE D 38 30.69 -2.26 21.31
CA ILE D 38 29.72 -1.41 20.63
C ILE D 38 28.66 -2.25 19.95
N TRP D 39 29.05 -3.42 19.47
CA TRP D 39 28.08 -4.26 18.82
C TRP D 39 27.12 -4.89 19.83
N ASN D 40 27.65 -5.63 20.80
CA ASN D 40 26.79 -6.23 21.81
C ASN D 40 25.85 -5.19 22.42
N ALA D 41 26.34 -3.96 22.56
CA ALA D 41 25.53 -2.90 23.13
C ALA D 41 24.27 -2.71 22.31
N CYS D 42 24.43 -2.57 21.00
CA CYS D 42 23.27 -2.38 20.12
C CYS D 42 22.40 -3.64 20.05
N LEU D 43 23.02 -4.80 20.16
CA LEU D 43 22.26 -6.04 20.11
C LEU D 43 21.36 -6.15 21.32
N ARG D 44 21.91 -5.98 22.51
CA ARG D 44 21.09 -6.08 23.71
C ARG D 44 19.99 -5.02 23.76
N THR D 45 20.36 -3.78 23.48
CA THR D 45 19.41 -2.67 23.55
C THR D 45 18.44 -2.53 22.37
N LEU D 46 18.97 -2.65 21.16
CA LEU D 46 18.16 -2.49 19.97
C LEU D 46 17.66 -3.77 19.32
N GLY D 47 18.21 -4.91 19.73
CA GLY D 47 17.77 -6.17 19.14
C GLY D 47 18.36 -6.33 17.75
N GLU D 48 18.29 -7.55 17.21
CA GLU D 48 18.83 -7.81 15.89
C GLU D 48 18.20 -6.89 14.84
N LEU D 49 16.89 -6.71 14.93
CA LEU D 49 16.18 -5.87 13.99
C LEU D 49 16.64 -4.44 14.11
N GLY D 50 16.61 -3.92 15.34
CA GLY D 50 17.04 -2.55 15.60
C GLY D 50 18.43 -2.29 15.11
N THR D 51 19.35 -3.20 15.40
CA THR D 51 20.74 -3.05 14.96
C THR D 51 20.79 -2.95 13.45
N ALA D 52 19.98 -3.79 12.79
CA ALA D 52 19.91 -3.82 11.34
C ALA D 52 19.51 -2.47 10.76
N LYS D 53 18.58 -1.80 11.41
CA LYS D 53 18.12 -0.52 10.92
C LYS D 53 19.15 0.56 11.21
N ALA D 54 19.72 0.53 12.40
CA ALA D 54 20.71 1.52 12.83
C ALA D 54 22.03 1.46 12.06
N LYS D 55 22.43 0.26 11.63
CA LYS D 55 23.66 0.09 10.86
C LYS D 55 24.85 0.77 11.54
N PRO D 56 25.23 0.31 12.74
CA PRO D 56 26.35 0.88 13.49
C PRO D 56 27.69 0.42 12.97
N TRP D 57 28.56 1.35 12.61
CA TRP D 57 29.89 0.99 12.13
C TRP D 57 30.96 1.77 12.89
N LEU D 58 32.01 1.07 13.30
CA LEU D 58 33.11 1.69 14.03
C LEU D 58 34.14 2.09 12.99
N ILE D 59 34.07 3.32 12.48
CA ILE D 59 35.04 3.70 11.47
C ILE D 59 36.49 3.84 11.95
N LYS D 60 36.73 4.46 13.11
CA LYS D 60 38.10 4.58 13.61
C LYS D 60 38.17 4.74 15.13
N PHE D 61 39.18 4.13 15.74
CA PHE D 61 39.34 4.22 17.19
C PHE D 61 40.80 4.43 17.58
N ASP D 62 41.11 5.62 18.11
CA ASP D 62 42.47 5.96 18.53
C ASP D 62 42.84 5.29 19.85
N GLU D 63 43.51 4.15 19.78
CA GLU D 63 43.91 3.40 20.98
C GLU D 63 44.68 4.19 22.01
N THR D 64 45.39 5.22 21.56
CA THR D 64 46.19 6.03 22.47
C THR D 64 45.38 6.97 23.34
N THR D 65 44.43 7.69 22.74
CA THR D 65 43.60 8.63 23.48
C THR D 65 42.21 8.06 23.82
N GLN D 66 42.01 6.76 23.64
CA GLN D 66 40.72 6.12 23.92
C GLN D 66 39.58 6.98 23.41
N THR D 67 39.67 7.32 22.12
CA THR D 67 38.70 8.16 21.44
C THR D 67 38.34 7.43 20.15
N GLY D 68 37.16 7.72 19.60
CA GLY D 68 36.76 7.06 18.37
C GLY D 68 35.52 7.61 17.68
N ILE D 69 35.26 7.12 16.48
CA ILE D 69 34.09 7.56 15.72
C ILE D 69 33.21 6.39 15.29
N ILE D 70 31.91 6.63 15.29
CA ILE D 70 30.93 5.62 14.91
C ILE D 70 30.01 6.21 13.85
N ARG D 71 29.60 5.39 12.89
CA ARG D 71 28.67 5.83 11.84
C ARG D 71 27.35 5.11 12.05
N SER D 72 26.25 5.76 11.73
CA SER D 72 24.94 5.14 11.89
C SER D 72 23.91 5.81 10.99
N ASP D 73 22.80 5.12 10.74
CA ASP D 73 21.75 5.67 9.90
C ASP D 73 21.31 7.00 10.51
N ARG D 74 21.08 7.98 9.66
CA ARG D 74 20.68 9.30 10.10
C ARG D 74 19.49 9.28 11.06
N ASN D 75 18.60 8.31 10.92
CA ASN D 75 17.42 8.28 11.77
C ASN D 75 17.54 7.44 13.02
N HIS D 76 18.74 6.95 13.32
CA HIS D 76 18.90 6.12 14.49
C HIS D 76 20.06 6.53 15.35
N VAL D 77 20.52 7.76 15.16
CA VAL D 77 21.65 8.27 15.93
C VAL D 77 21.40 8.13 17.42
N TYR D 78 20.25 8.65 17.88
CA TYR D 78 19.95 8.60 19.30
C TYR D 78 19.67 7.21 19.87
N ASP D 79 19.57 6.20 19.00
CA ASP D 79 19.35 4.84 19.46
C ASP D 79 20.70 4.21 19.69
N VAL D 80 21.67 4.58 18.86
CA VAL D 80 23.01 4.04 19.00
C VAL D 80 23.61 4.69 20.24
N ILE D 81 23.28 5.96 20.45
CA ILE D 81 23.79 6.65 21.63
C ILE D 81 23.16 6.00 22.85
N PHE D 82 21.83 5.93 22.87
CA PHE D 82 21.10 5.31 23.96
C PHE D 82 21.72 3.96 24.32
N SER D 83 22.16 3.21 23.31
CA SER D 83 22.73 1.89 23.54
C SER D 83 24.11 1.92 24.15
N LEU D 84 24.95 2.84 23.66
CA LEU D 84 26.30 2.96 24.17
C LEU D 84 26.30 3.43 25.62
N THR D 85 25.34 4.27 25.97
CA THR D 85 25.27 4.80 27.33
C THR D 85 25.02 3.70 28.35
N LEU D 86 24.23 2.70 27.99
CA LEU D 86 23.95 1.63 28.93
C LEU D 86 25.12 0.69 29.17
N VAL D 87 26.25 0.92 28.50
CA VAL D 87 27.41 0.07 28.67
C VAL D 87 28.02 0.24 30.05
N SER D 88 27.77 -0.75 30.91
CA SER D 88 28.26 -0.76 32.28
C SER D 88 29.75 -1.03 32.33
N ASP D 89 30.15 -2.19 31.82
CA ASP D 89 31.55 -2.54 31.77
C ASP D 89 31.81 -3.02 30.36
N ILE D 90 33.07 -3.18 30.01
CA ILE D 90 33.42 -3.63 28.68
C ILE D 90 34.61 -4.57 28.83
N ASN D 91 34.31 -5.88 28.74
CA ASN D 91 35.29 -6.96 28.85
C ASN D 91 35.71 -7.24 30.30
N GLY D 92 34.75 -7.20 31.22
CA GLY D 92 35.06 -7.45 32.62
C GLY D 92 35.61 -6.25 33.35
N ASN D 93 36.19 -5.32 32.60
CA ASN D 93 36.77 -4.11 33.20
C ASN D 93 35.75 -2.98 33.22
N LYS D 94 35.43 -2.49 34.42
CA LYS D 94 34.48 -1.41 34.55
C LYS D 94 34.90 -0.22 33.71
N ALA D 95 33.96 0.31 32.94
CA ALA D 95 34.25 1.46 32.09
C ALA D 95 32.95 1.99 31.54
N ILE D 96 32.92 3.28 31.22
CA ILE D 96 31.73 3.88 30.66
C ILE D 96 32.20 4.61 29.43
N ILE D 97 31.33 4.74 28.44
CA ILE D 97 31.70 5.41 27.19
C ILE D 97 30.69 6.52 26.93
N LYS D 98 31.15 7.76 26.81
CA LYS D 98 30.19 8.84 26.58
C LYS D 98 30.44 9.59 25.29
N VAL D 99 29.35 9.95 24.62
CA VAL D 99 29.44 10.66 23.36
C VAL D 99 29.85 12.12 23.53
N LEU D 100 30.66 12.59 22.60
CA LEU D 100 31.12 13.96 22.62
C LEU D 100 30.26 14.79 21.69
N GLY D 101 29.66 14.16 20.69
CA GLY D 101 28.82 14.89 19.75
C GLY D 101 28.61 14.20 18.43
N VAL D 102 27.51 14.53 17.75
CA VAL D 102 27.19 13.93 16.47
C VAL D 102 27.49 14.97 15.39
N SER D 103 27.57 14.54 14.14
CA SER D 103 27.85 15.49 13.07
C SER D 103 27.62 14.93 11.67
N GLY D 104 27.41 15.83 10.72
CA GLY D 104 27.17 15.43 9.33
C GLY D 104 28.32 14.70 8.67
N THR D 105 29.44 15.39 8.48
CA THR D 105 30.60 14.78 7.85
C THR D 105 31.65 14.43 8.91
N ILE D 106 32.65 13.64 8.51
CA ILE D 106 33.69 13.25 9.46
C ILE D 106 34.66 14.40 9.74
N LYS D 107 35.06 15.12 8.69
CA LYS D 107 35.97 16.24 8.87
C LYS D 107 35.31 17.23 9.83
N ARG D 108 34.02 17.48 9.61
CA ARG D 108 33.23 18.41 10.41
C ARG D 108 33.14 17.95 11.89
N LEU D 109 33.05 16.64 12.08
CA LEU D 109 32.94 16.02 13.40
C LEU D 109 34.31 15.98 14.07
N LYS D 110 35.31 15.53 13.31
CA LYS D 110 36.68 15.44 13.78
C LYS D 110 37.16 16.83 14.16
N ARG D 111 36.43 17.83 13.69
CA ARG D 111 36.74 19.23 13.95
C ARG D 111 36.27 19.63 15.35
N LYS D 112 34.98 19.96 15.45
CA LYS D 112 34.35 20.40 16.68
C LYS D 112 34.52 19.54 17.94
N PHE D 113 35.16 18.37 17.85
CA PHE D 113 35.27 17.52 19.04
C PHE D 113 36.60 16.82 19.27
N LEU D 114 37.10 16.13 18.25
CA LEU D 114 38.34 15.39 18.39
C LEU D 114 39.61 16.16 18.22
N SER D 115 39.65 17.06 17.23
CA SER D 115 40.82 17.87 16.97
C SER D 115 41.51 18.29 18.26
N GLN D 116 40.72 18.45 19.32
CA GLN D 116 41.26 18.88 20.66
C GLN D 116 41.69 17.66 21.58
N PHE D 117 42.09 16.61 20.87
CA PHE D 117 42.63 15.36 21.40
C PHE D 117 43.68 15.17 20.33
N GLY D 118 44.24 13.98 20.23
CA GLY D 118 45.25 13.76 19.21
C GLY D 118 44.67 13.54 17.82
N TRP D 119 43.70 14.36 17.41
CA TRP D 119 43.06 14.21 16.09
C TRP D 119 43.20 15.42 15.15
N ARG D 120 43.11 15.15 13.85
CA ARG D 120 43.20 16.19 12.82
C ARG D 120 42.70 15.67 11.46
N LYS E 15 -12.27 -10.16 -1.27
CA LYS E 15 -11.56 -11.47 -1.24
C LYS E 15 -10.04 -11.34 -1.35
N LYS E 16 -9.56 -10.10 -1.47
CA LYS E 16 -8.13 -9.84 -1.54
C LYS E 16 -7.69 -8.92 -0.39
N ARG E 17 -6.40 -8.90 -0.13
CA ARG E 17 -5.82 -8.07 0.92
C ARG E 17 -4.50 -7.57 0.42
N TYR E 18 -4.15 -6.36 0.81
CA TYR E 18 -2.88 -5.78 0.40
C TYR E 18 -2.02 -5.56 1.62
N ILE E 19 -0.74 -5.92 1.52
CA ILE E 19 0.17 -5.73 2.64
C ILE E 19 1.35 -4.90 2.19
N ALA E 20 1.63 -3.85 2.94
CA ALA E 20 2.74 -2.94 2.66
C ALA E 20 4.01 -3.39 3.38
N PHE E 21 5.14 -3.28 2.70
CA PHE E 21 6.39 -3.70 3.30
C PHE E 21 7.54 -2.81 2.94
N LYS E 22 8.57 -2.85 3.77
CA LYS E 22 9.77 -2.06 3.57
C LYS E 22 10.90 -3.05 3.70
N VAL E 23 11.98 -2.82 2.99
CA VAL E 23 13.11 -3.72 3.09
C VAL E 23 14.30 -3.01 3.72
N ILE E 24 14.88 -3.67 4.71
CA ILE E 24 16.03 -3.15 5.45
C ILE E 24 17.30 -3.80 4.92
N SER E 25 18.11 -3.05 4.19
CA SER E 25 19.34 -3.64 3.71
C SER E 25 20.46 -2.66 3.51
N GLU E 26 21.66 -3.20 3.31
CA GLU E 26 22.82 -2.38 3.11
C GLU E 26 22.73 -1.77 1.71
N ASN E 27 22.22 -2.53 0.73
CA ASN E 27 22.12 -1.98 -0.62
C ASN E 27 20.72 -1.97 -1.24
N GLN E 28 20.62 -1.30 -2.39
CA GLN E 28 19.36 -1.15 -3.13
C GLN E 28 19.00 -2.42 -3.89
N PHE E 29 17.72 -2.54 -4.22
CA PHE E 29 17.20 -3.68 -4.96
C PHE E 29 16.17 -3.19 -5.98
N ASN E 30 16.03 -3.92 -7.09
CA ASN E 30 15.09 -3.54 -8.15
C ASN E 30 13.83 -4.41 -8.20
N LYS E 31 12.76 -3.85 -8.78
CA LYS E 31 11.49 -4.53 -8.92
C LYS E 31 11.69 -6.01 -9.15
N ASP E 32 12.39 -6.34 -10.23
CA ASP E 32 12.64 -7.74 -10.60
C ASP E 32 13.28 -8.58 -9.49
N GLU E 33 14.23 -8.01 -8.77
CA GLU E 33 14.90 -8.74 -7.71
C GLU E 33 14.02 -9.13 -6.55
N ILE E 34 13.40 -8.14 -5.91
CA ILE E 34 12.56 -8.43 -4.78
C ILE E 34 11.34 -9.22 -5.24
N LYS E 35 10.93 -9.03 -6.49
CA LYS E 35 9.79 -9.77 -7.02
C LYS E 35 10.11 -11.26 -6.98
N GLU E 36 11.28 -11.63 -7.51
CA GLU E 36 11.70 -13.01 -7.52
C GLU E 36 11.80 -13.53 -6.09
N ALA E 37 12.49 -12.78 -5.25
CA ALA E 37 12.65 -13.14 -3.84
C ALA E 37 11.32 -13.49 -3.19
N ILE E 38 10.35 -12.57 -3.29
CA ILE E 38 9.02 -12.78 -2.72
C ILE E 38 8.45 -14.10 -3.18
N TRP E 39 8.74 -14.48 -4.43
CA TRP E 39 8.21 -15.74 -4.91
C TRP E 39 8.91 -16.92 -4.25
N ASN E 40 10.22 -17.02 -4.40
CA ASN E 40 10.96 -18.11 -3.77
C ASN E 40 10.60 -18.24 -2.29
N ALA E 41 10.37 -17.10 -1.64
CA ALA E 41 10.01 -17.12 -0.22
C ALA E 41 8.75 -17.95 0.01
N CYS E 42 7.71 -17.69 -0.78
CA CYS E 42 6.46 -18.43 -0.65
C CYS E 42 6.60 -19.88 -1.10
N LEU E 43 7.47 -20.12 -2.07
CA LEU E 43 7.70 -21.48 -2.55
C LEU E 43 8.34 -22.33 -1.47
N ARG E 44 9.43 -21.84 -0.89
CA ARG E 44 10.10 -22.60 0.15
C ARG E 44 9.22 -22.82 1.36
N THR E 45 8.61 -21.75 1.84
CA THR E 45 7.77 -21.82 3.03
C THR E 45 6.37 -22.43 2.87
N LEU E 46 5.67 -22.04 1.81
CA LEU E 46 4.32 -22.52 1.59
C LEU E 46 4.18 -23.67 0.60
N GLY E 47 5.24 -23.95 -0.14
CA GLY E 47 5.17 -25.02 -1.12
C GLY E 47 4.35 -24.59 -2.34
N GLU E 48 4.45 -25.36 -3.42
CA GLU E 48 3.72 -25.04 -4.64
C GLU E 48 2.24 -24.93 -4.37
N LEU E 49 1.70 -25.85 -3.59
CA LEU E 49 0.29 -25.85 -3.27
C LEU E 49 -0.07 -24.59 -2.47
N GLY E 50 0.66 -24.37 -1.38
CA GLY E 50 0.43 -23.20 -0.55
C GLY E 50 0.48 -21.91 -1.33
N THR E 51 1.48 -21.76 -2.18
CA THR E 51 1.62 -20.56 -2.99
C THR E 51 0.38 -20.40 -3.86
N ALA E 52 -0.07 -21.51 -4.43
CA ALA E 52 -1.24 -21.50 -5.28
C ALA E 52 -2.48 -20.96 -4.59
N LYS E 53 -2.64 -21.33 -3.32
CA LYS E 53 -3.80 -20.87 -2.58
C LYS E 53 -3.63 -19.41 -2.19
N ALA E 54 -2.43 -19.04 -1.75
CA ALA E 54 -2.13 -17.66 -1.32
C ALA E 54 -2.20 -16.62 -2.44
N LYS E 55 -1.84 -17.02 -3.65
CA LYS E 55 -1.86 -16.13 -4.81
C LYS E 55 -1.15 -14.81 -4.51
N PRO E 56 0.16 -14.87 -4.27
CA PRO E 56 0.94 -13.67 -3.96
C PRO E 56 1.26 -12.87 -5.21
N TRP E 57 0.92 -11.59 -5.22
CA TRP E 57 1.24 -10.74 -6.37
C TRP E 57 1.93 -9.46 -5.91
N LEU E 58 2.99 -9.08 -6.61
CA LEU E 58 3.73 -7.88 -6.28
C LEU E 58 3.15 -6.77 -7.12
N ILE E 59 2.17 -6.03 -6.61
CA ILE E 59 1.57 -4.98 -7.43
C ILE E 59 2.48 -3.79 -7.74
N LYS E 60 3.22 -3.28 -6.76
CA LYS E 60 4.14 -2.16 -7.02
C LYS E 60 5.29 -2.09 -6.03
N PHE E 61 6.47 -1.69 -6.52
CA PHE E 61 7.64 -1.58 -5.66
C PHE E 61 8.46 -0.32 -5.97
N ASP E 62 8.46 0.62 -5.04
CA ASP E 62 9.19 1.88 -5.20
C ASP E 62 10.70 1.70 -5.00
N GLU E 63 11.43 1.52 -6.10
CA GLU E 63 12.88 1.31 -6.04
C GLU E 63 13.66 2.37 -5.27
N THR E 64 13.11 3.57 -5.22
CA THR E 64 13.80 4.65 -4.53
C THR E 64 13.74 4.54 -3.02
N THR E 65 12.55 4.28 -2.47
CA THR E 65 12.38 4.16 -1.03
C THR E 65 12.35 2.71 -0.52
N GLN E 66 12.71 1.75 -1.39
CA GLN E 66 12.71 0.32 -1.03
C GLN E 66 11.44 -0.02 -0.24
N THR E 67 10.30 0.33 -0.83
CA THR E 67 8.99 0.12 -0.25
C THR E 67 8.15 -0.54 -1.32
N GLY E 68 7.09 -1.25 -0.93
CA GLY E 68 6.25 -1.91 -1.92
C GLY E 68 4.96 -2.50 -1.40
N ILE E 69 4.11 -2.95 -2.31
CA ILE E 69 2.84 -3.57 -1.95
C ILE E 69 2.67 -4.96 -2.55
N ILE E 70 2.04 -5.84 -1.79
CA ILE E 70 1.79 -7.22 -2.21
C ILE E 70 0.32 -7.53 -2.02
N ARG E 71 -0.24 -8.30 -2.94
CA ARG E 71 -1.64 -8.70 -2.85
C ARG E 71 -1.68 -10.20 -2.57
N SER E 72 -2.67 -10.66 -1.81
CA SER E 72 -2.80 -12.08 -1.51
C SER E 72 -4.22 -12.42 -1.13
N ASP E 73 -4.57 -13.70 -1.22
CA ASP E 73 -5.91 -14.15 -0.87
C ASP E 73 -6.20 -13.69 0.56
N ARG E 74 -7.42 -13.22 0.78
CA ARG E 74 -7.81 -12.76 2.10
C ARG E 74 -7.52 -13.75 3.23
N ASN E 75 -7.56 -15.04 2.93
CA ASN E 75 -7.35 -16.04 3.98
C ASN E 75 -5.93 -16.53 4.11
N HIS E 76 -5.00 -15.89 3.43
CA HIS E 76 -3.62 -16.34 3.51
C HIS E 76 -2.65 -15.20 3.75
N VAL E 77 -3.17 -14.08 4.22
CA VAL E 77 -2.33 -12.93 4.48
C VAL E 77 -1.18 -13.29 5.42
N TYR E 78 -1.51 -13.88 6.56
CA TYR E 78 -0.47 -14.23 7.51
C TYR E 78 0.49 -15.34 7.08
N ASP E 79 0.19 -15.99 5.96
CA ASP E 79 1.09 -17.04 5.46
C ASP E 79 2.11 -16.38 4.55
N VAL E 80 1.67 -15.35 3.84
CA VAL E 80 2.57 -14.64 2.96
C VAL E 80 3.51 -13.81 3.84
N ILE E 81 2.98 -13.31 4.94
CA ILE E 81 3.81 -12.55 5.88
C ILE E 81 4.83 -13.51 6.47
N PHE E 82 4.33 -14.58 7.06
CA PHE E 82 5.19 -15.59 7.65
C PHE E 82 6.32 -15.96 6.71
N SER E 83 6.03 -16.03 5.41
CA SER E 83 7.04 -16.40 4.44
C SER E 83 8.07 -15.32 4.17
N LEU E 84 7.62 -14.08 4.08
CA LEU E 84 8.52 -12.97 3.82
C LEU E 84 9.46 -12.77 5.01
N THR E 85 8.96 -13.01 6.22
CA THR E 85 9.78 -12.81 7.40
C THR E 85 10.99 -13.73 7.44
N LEU E 86 10.84 -14.95 6.94
CA LEU E 86 11.95 -15.88 6.94
C LEU E 86 13.05 -15.53 5.92
N VAL E 87 12.85 -14.48 5.14
CA VAL E 87 13.84 -14.11 4.14
C VAL E 87 15.11 -13.60 4.81
N SER E 88 16.14 -14.44 4.79
CA SER E 88 17.43 -14.12 5.39
C SER E 88 18.20 -13.12 4.53
N ASP E 89 18.46 -13.50 3.30
CA ASP E 89 19.16 -12.62 2.39
C ASP E 89 18.35 -12.64 1.11
N ILE E 90 18.64 -11.73 0.20
CA ILE E 90 17.93 -11.66 -1.06
C ILE E 90 18.96 -11.31 -2.14
N ASN E 91 19.35 -12.34 -2.89
CA ASN E 91 20.32 -12.24 -3.98
C ASN E 91 21.77 -12.15 -3.48
N GLY E 92 22.10 -12.93 -2.45
CA GLY E 92 23.46 -12.91 -1.93
C GLY E 92 23.72 -11.78 -0.98
N ASN E 93 22.93 -10.71 -1.08
CA ASN E 93 23.09 -9.55 -0.20
C ASN E 93 22.20 -9.66 1.01
N LYS E 94 22.79 -9.67 2.19
CA LYS E 94 22.03 -9.77 3.42
C LYS E 94 21.01 -8.66 3.49
N ALA E 95 19.78 -9.02 3.83
CA ALA E 95 18.71 -8.05 3.92
C ALA E 95 17.50 -8.70 4.54
N ILE E 96 16.66 -7.92 5.19
CA ILE E 96 15.46 -8.47 5.80
C ILE E 96 14.33 -7.57 5.30
N ILE E 97 13.14 -8.13 5.20
CA ILE E 97 12.01 -7.36 4.71
C ILE E 97 10.89 -7.45 5.76
N LYS E 98 10.41 -6.32 6.27
CA LYS E 98 9.36 -6.41 7.27
C LYS E 98 8.09 -5.69 6.87
N VAL E 99 6.96 -6.30 7.21
CA VAL E 99 5.67 -5.71 6.86
C VAL E 99 5.33 -4.51 7.71
N LEU E 100 4.69 -3.53 7.09
CA LEU E 100 4.28 -2.33 7.77
C LEU E 100 2.80 -2.44 8.16
N GLY E 101 2.06 -3.26 7.42
CA GLY E 101 0.65 -3.43 7.72
C GLY E 101 -0.20 -3.94 6.57
N VAL E 102 -1.32 -4.58 6.91
CA VAL E 102 -2.22 -5.12 5.88
C VAL E 102 -3.42 -4.19 5.77
N SER E 103 -4.18 -4.32 4.69
CA SER E 103 -5.35 -3.46 4.52
C SER E 103 -6.30 -3.91 3.42
N GLY E 104 -7.55 -3.47 3.54
CA GLY E 104 -8.57 -3.84 2.57
C GLY E 104 -8.30 -3.36 1.15
N THR E 105 -8.30 -2.05 0.96
CA THR E 105 -8.07 -1.47 -0.36
C THR E 105 -6.66 -0.91 -0.45
N ILE E 106 -6.21 -0.59 -1.66
CA ILE E 106 -4.86 -0.06 -1.82
C ILE E 106 -4.76 1.38 -1.37
N LYS E 107 -5.76 2.20 -1.71
CA LYS E 107 -5.75 3.59 -1.32
C LYS E 107 -5.71 3.63 0.21
N ARG E 108 -6.51 2.79 0.84
CA ARG E 108 -6.60 2.71 2.30
C ARG E 108 -5.27 2.28 2.92
N LEU E 109 -4.55 1.39 2.24
CA LEU E 109 -3.26 0.86 2.69
C LEU E 109 -2.15 1.87 2.43
N LYS E 110 -2.17 2.42 1.22
CA LYS E 110 -1.20 3.40 0.78
C LYS E 110 -1.32 4.62 1.70
N ARG E 111 -2.44 4.70 2.40
CA ARG E 111 -2.74 5.79 3.33
C ARG E 111 -2.00 5.59 4.64
N LYS E 112 -2.59 4.78 5.51
CA LYS E 112 -2.04 4.49 6.84
C LYS E 112 -0.59 4.02 6.96
N PHE E 113 0.12 3.80 5.84
CA PHE E 113 1.49 3.31 5.95
C PHE E 113 2.54 3.90 5.01
N LEU E 114 2.23 3.93 3.74
CA LEU E 114 3.17 4.45 2.75
C LEU E 114 3.20 5.94 2.57
N SER E 115 2.03 6.57 2.53
CA SER E 115 1.93 8.01 2.35
C SER E 115 3.05 8.74 3.08
N GLN E 116 3.51 8.16 4.19
CA GLN E 116 4.59 8.81 5.01
C GLN E 116 6.04 8.33 4.57
N PHE E 117 6.11 8.04 3.27
CA PHE E 117 7.31 7.65 2.55
C PHE E 117 6.97 8.43 1.28
N GLY E 118 7.65 8.13 0.18
CA GLY E 118 7.34 8.86 -1.03
C GLY E 118 6.10 8.33 -1.74
N TRP E 119 5.01 8.09 -1.01
CA TRP E 119 3.77 7.56 -1.61
C TRP E 119 2.53 8.46 -1.45
N ARG E 120 1.58 8.29 -2.37
CA ARG E 120 0.33 9.06 -2.36
C ARG E 120 -0.72 8.41 -3.28
#